data_2WZC
#
_entry.id   2WZC
#
_cell.length_a   39.220
_cell.length_b   91.920
_cell.length_c   108.140
_cell.angle_alpha   90.00
_cell.angle_beta   90.00
_cell.angle_gamma   90.00
#
_symmetry.space_group_name_H-M   'P 21 21 21'
#
loop_
_entity.id
_entity.type
_entity.pdbx_description
1 polymer 'PHOSPHOGLYCERATE KINASE 1'
2 non-polymer 'MAGNESIUM ION'
3 non-polymer 'CHLORIDE ION'
4 non-polymer 'TETRAFLUOROALUMINATE ION'
5 non-polymer "ADENOSINE-5'-DIPHOSPHATE"
6 non-polymer '3-PHOSPHOGLYCERIC ACID'
7 water water
#
_entity_poly.entity_id   1
_entity_poly.type   'polypeptide(L)'
_entity_poly.pdbx_seq_one_letter_code
;SLSNKLTLDKLDVKGKRVVMRVDFNVPMKNNQITNNQRIKAAVPSIKFCLDNGAKSVVLMSHLGRPDGVPMPDKYSLEPV
AVELKSLLGKDVLFLKDCVGPEVEKACANPAAGSVILLENLRFHVEEEGKGKDASGNKVKAEPAKIEAFRASLSKLGDVY
VNDAFGTAHRAHSSMVGVNLPQKAGGFLMKKELNYFAKALESPERPFLAILGGAKVADKIQLINNMLDKVNEMIIGGGMA
FTFLKVLNNMEIGTSLFDEEGAKIVKDLMSKAEKNGVKITLPVDFVTADKFDENAKTGQATVASGIPAGWMGLDCGPESS
KKYAEAVTRAKQIVWNGPVGVFEWEAFARGTKALMDEVVKATSRGCITIIGGGDTATCCAKWNTEDKVSHVSTGGGASLE
LLEGKVLPGVDALSNI
;
_entity_poly.pdbx_strand_id   A
#
loop_
_chem_comp.id
_chem_comp.type
_chem_comp.name
_chem_comp.formula
3PG non-polymer '3-PHOSPHOGLYCERIC ACID' 'C3 H7 O7 P'
ADP non-polymer ADENOSINE-5'-DIPHOSPHATE 'C10 H15 N5 O10 P2'
ALF non-polymer 'TETRAFLUOROALUMINATE ION' 'Al F4 -1'
CL non-polymer 'CHLORIDE ION' 'Cl -1'
MG non-polymer 'MAGNESIUM ION' 'Mg 2'
#
# COMPACT_ATOMS: atom_id res chain seq x y z
N LEU A 2 19.73 -0.13 4.19
CA LEU A 2 19.70 -0.81 5.52
C LEU A 2 21.10 -1.11 6.01
N SER A 3 22.07 -0.32 5.54
CA SER A 3 23.47 -0.53 5.86
C SER A 3 23.69 -0.45 7.36
N ASN A 4 22.90 0.39 8.01
CA ASN A 4 22.99 0.62 9.45
C ASN A 4 22.06 -0.27 10.28
N LYS A 5 21.32 -1.16 9.62
CA LYS A 5 20.31 -1.96 10.29
C LYS A 5 20.59 -3.45 10.14
N LEU A 6 20.28 -4.20 11.18
CA LEU A 6 20.29 -5.65 11.11
C LEU A 6 19.32 -6.13 10.03
N THR A 7 19.80 -7.05 9.18
CA THR A 7 18.96 -7.65 8.17
C THR A 7 19.06 -9.18 8.27
N LEU A 8 18.13 -9.85 7.64
CA LEU A 8 17.92 -11.28 7.82
C LEU A 8 19.11 -12.12 7.42
N ASP A 9 19.90 -11.66 6.44
CA ASP A 9 21.12 -12.34 6.02
C ASP A 9 22.15 -12.49 7.14
N LYS A 10 22.02 -11.67 8.17
CA LYS A 10 22.94 -11.69 9.30
C LYS A 10 22.27 -12.03 10.61
N LEU A 11 21.06 -12.54 10.55
CA LEU A 11 20.32 -12.98 11.74
C LEU A 11 20.45 -14.47 11.91
N ASP A 12 21.00 -14.91 13.03
CA ASP A 12 21.08 -16.34 13.35
C ASP A 12 19.68 -16.80 13.73
N VAL A 13 19.05 -17.62 12.88
CA VAL A 13 17.72 -18.17 13.19
C VAL A 13 17.72 -19.63 13.62
N LYS A 14 18.88 -20.25 13.75
CA LYS A 14 18.95 -21.69 14.04
C LYS A 14 18.34 -21.98 15.41
N GLY A 15 17.29 -22.79 15.42
CA GLY A 15 16.59 -23.13 16.66
C GLY A 15 15.80 -21.99 17.27
N LYS A 16 15.62 -20.89 16.53
CA LYS A 16 14.89 -19.73 17.02
C LYS A 16 13.49 -19.74 16.45
N ARG A 17 12.53 -19.36 17.29
CA ARG A 17 11.21 -18.99 16.80
C ARG A 17 11.28 -17.60 16.20
N VAL A 18 10.79 -17.46 14.98
CA VAL A 18 10.82 -16.15 14.32
C VAL A 18 9.41 -15.58 14.27
N VAL A 19 9.22 -14.37 14.80
CA VAL A 19 7.97 -13.64 14.62
C VAL A 19 8.22 -12.57 13.56
N MET A 20 7.40 -12.60 12.52
CA MET A 20 7.64 -11.83 11.29
C MET A 20 6.42 -11.01 10.88
N ARG A 21 6.59 -9.70 10.89
CA ARG A 21 5.58 -8.80 10.33
C ARG A 21 5.72 -8.84 8.83
N VAL A 22 4.61 -9.09 8.16
CA VAL A 22 4.48 -9.09 6.68
C VAL A 22 3.32 -8.18 6.31
N ASP A 23 3.33 -7.73 5.06
CA ASP A 23 2.16 -7.04 4.51
C ASP A 23 1.41 -8.06 3.64
N PHE A 24 0.40 -8.67 4.25
CA PHE A 24 -0.52 -9.57 3.60
C PHE A 24 -1.88 -8.91 3.39
N ASN A 25 -1.88 -7.58 3.31
CA ASN A 25 -3.09 -6.81 3.02
C ASN A 25 -3.40 -6.90 1.54
N VAL A 26 -3.90 -8.05 1.13
CA VAL A 26 -4.14 -8.38 -0.27
C VAL A 26 -5.52 -7.92 -0.71
N PRO A 27 -5.66 -7.59 -2.01
CA PRO A 27 -6.96 -7.22 -2.52
C PRO A 27 -7.89 -8.43 -2.62
N MET A 28 -9.17 -8.19 -2.34
CA MET A 28 -10.21 -9.21 -2.33
C MET A 28 -11.41 -8.70 -3.13
N LYS A 29 -12.01 -9.57 -3.94
CA LYS A 29 -13.25 -9.27 -4.65
C LYS A 29 -14.08 -10.52 -4.55
N ASN A 30 -15.37 -10.34 -4.32
CA ASN A 30 -16.26 -11.47 -4.13
C ASN A 30 -15.72 -12.53 -3.17
N ASN A 31 -15.00 -12.10 -2.11
CA ASN A 31 -14.42 -13.02 -1.09
C ASN A 31 -13.09 -13.75 -1.43
N GLN A 32 -12.61 -13.57 -2.65
CA GLN A 32 -11.42 -14.28 -3.13
C GLN A 32 -10.26 -13.30 -3.25
N ILE A 33 -9.04 -13.82 -3.11
CA ILE A 33 -7.83 -13.02 -3.29
C ILE A 33 -7.71 -12.73 -4.79
N THR A 34 -7.55 -11.44 -5.15
CA THR A 34 -7.48 -11.10 -6.56
C THR A 34 -6.06 -10.90 -7.04
N ASN A 35 -5.13 -10.84 -6.08
CA ASN A 35 -3.69 -10.70 -6.35
C ASN A 35 -2.89 -11.24 -5.17
N ASN A 36 -2.13 -12.30 -5.41
CA ASN A 36 -1.25 -12.81 -4.37
C ASN A 36 0.15 -12.19 -4.34
N GLN A 37 0.38 -11.11 -5.10
CA GLN A 37 1.67 -10.40 -5.16
C GLN A 37 2.31 -10.25 -3.80
N ARG A 38 1.57 -9.70 -2.86
CA ARG A 38 2.15 -9.36 -1.57
C ARG A 38 2.54 -10.60 -0.77
N ILE A 39 1.78 -11.66 -0.93
CA ILE A 39 2.09 -12.94 -0.25
C ILE A 39 3.35 -13.58 -0.86
N LYS A 40 3.36 -13.72 -2.19
CA LYS A 40 4.54 -14.24 -2.91
C LYS A 40 5.80 -13.46 -2.51
N ALA A 41 5.67 -12.15 -2.38
CA ALA A 41 6.82 -11.30 -2.14
C ALA A 41 7.52 -11.62 -0.83
N ALA A 42 6.80 -12.15 0.16
CA ALA A 42 7.38 -12.50 1.47
C ALA A 42 7.99 -13.90 1.49
N VAL A 43 7.73 -14.72 0.49
CA VAL A 43 8.18 -16.12 0.51
C VAL A 43 9.71 -16.23 0.67
N PRO A 44 10.51 -15.40 -0.03
CA PRO A 44 11.96 -15.56 0.17
C PRO A 44 12.44 -15.45 1.62
N SER A 45 11.91 -14.49 2.35
CA SER A 45 12.27 -14.38 3.78
C SER A 45 11.78 -15.57 4.59
N ILE A 46 10.56 -16.02 4.33
CA ILE A 46 9.98 -17.15 5.08
C ILE A 46 10.78 -18.43 4.81
N LYS A 47 11.03 -18.71 3.53
CA LYS A 47 11.81 -19.89 3.16
C LYS A 47 13.24 -19.83 3.72
N PHE A 48 13.84 -18.65 3.75
CA PHE A 48 15.19 -18.51 4.29
C PHE A 48 15.20 -18.90 5.77
N CYS A 49 14.19 -18.44 6.51
CA CYS A 49 14.15 -18.79 7.92
C CYS A 49 14.06 -20.32 8.10
N LEU A 50 13.16 -20.94 7.37
CA LEU A 50 12.97 -22.39 7.48
C LEU A 50 14.19 -23.18 7.00
N ASP A 51 14.79 -22.76 5.89
CA ASP A 51 15.96 -23.40 5.33
C ASP A 51 17.21 -23.30 6.23
N ASN A 52 17.25 -22.26 7.06
CA ASN A 52 18.35 -22.06 7.96
C ASN A 52 18.02 -22.44 9.39
N GLY A 53 17.00 -23.27 9.57
CA GLY A 53 16.80 -23.94 10.84
C GLY A 53 15.90 -23.26 11.85
N ALA A 54 15.07 -22.32 11.43
CA ALA A 54 14.12 -21.71 12.34
C ALA A 54 13.23 -22.77 12.94
N LYS A 55 12.97 -22.65 14.25
CA LYS A 55 12.01 -23.55 14.90
C LYS A 55 10.61 -23.31 14.39
N SER A 56 10.29 -22.04 14.20
CA SER A 56 8.99 -21.65 13.67
C SER A 56 9.08 -20.30 13.03
N VAL A 57 8.08 -20.02 12.20
CA VAL A 57 7.84 -18.70 11.63
C VAL A 57 6.37 -18.36 11.90
N VAL A 58 6.16 -17.32 12.71
CA VAL A 58 4.83 -16.81 13.04
C VAL A 58 4.66 -15.53 12.25
N LEU A 59 3.67 -15.51 11.35
CA LEU A 59 3.41 -14.41 10.44
C LEU A 59 2.28 -13.56 10.96
N MET A 60 2.42 -12.25 10.89
CA MET A 60 1.36 -11.35 11.34
C MET A 60 1.19 -10.19 10.37
N SER A 61 -0.05 -9.83 10.13
CA SER A 61 -0.39 -8.74 9.21
C SER A 61 -1.75 -8.16 9.59
N HIS A 62 -2.04 -6.99 9.05
CA HIS A 62 -3.41 -6.51 8.99
C HIS A 62 -4.05 -6.92 7.66
N LEU A 63 -5.36 -6.73 7.56
CA LEU A 63 -6.10 -6.84 6.32
C LEU A 63 -7.17 -5.77 6.38
N GLY A 64 -7.10 -4.84 5.44
CA GLY A 64 -8.02 -3.74 5.36
C GLY A 64 -8.01 -2.84 6.58
N ARG A 65 -9.15 -2.18 6.83
CA ARG A 65 -9.30 -1.24 7.94
C ARG A 65 -10.54 -1.54 8.76
N PRO A 66 -10.47 -2.63 9.52
CA PRO A 66 -11.59 -3.01 10.41
C PRO A 66 -11.65 -2.14 11.68
N ASP A 67 -10.65 -1.29 11.90
CA ASP A 67 -10.72 -0.24 12.93
C ASP A 67 -10.89 -0.79 14.37
N GLY A 68 -10.19 -1.86 14.68
CA GLY A 68 -10.04 -2.33 16.06
C GLY A 68 -11.24 -3.06 16.59
N VAL A 69 -12.06 -3.61 15.70
CA VAL A 69 -13.18 -4.49 16.07
C VAL A 69 -13.00 -5.80 15.30
N PRO A 70 -13.27 -6.95 15.95
CA PRO A 70 -13.17 -8.19 15.17
C PRO A 70 -14.21 -8.30 14.06
N MET A 71 -13.75 -8.47 12.83
CA MET A 71 -14.60 -8.58 11.67
C MET A 71 -14.20 -9.76 10.81
N PRO A 72 -14.26 -10.98 11.39
CA PRO A 72 -13.81 -12.18 10.68
C PRO A 72 -14.68 -12.51 9.47
N ASP A 73 -15.94 -12.12 9.50
CA ASP A 73 -16.80 -12.30 8.34
C ASP A 73 -16.29 -11.49 7.14
N LYS A 74 -15.64 -10.36 7.39
CA LYS A 74 -15.26 -9.41 6.34
C LYS A 74 -13.77 -9.27 6.08
N TYR A 75 -12.96 -9.32 7.13
CA TYR A 75 -11.52 -9.04 6.99
C TYR A 75 -10.64 -10.13 7.62
N SER A 76 -11.07 -11.39 7.57
CA SER A 76 -10.22 -12.47 8.09
C SER A 76 -9.03 -12.74 7.16
N LEU A 77 -7.89 -13.06 7.76
CA LEU A 77 -6.71 -13.50 6.98
C LEU A 77 -6.73 -15.01 6.63
N GLU A 78 -7.75 -15.75 7.05
CA GLU A 78 -7.78 -17.19 6.82
C GLU A 78 -7.52 -17.57 5.34
N PRO A 79 -8.12 -16.87 4.36
CA PRO A 79 -7.84 -17.21 2.97
C PRO A 79 -6.37 -17.05 2.56
N VAL A 80 -5.66 -16.15 3.23
CA VAL A 80 -4.21 -15.93 2.99
C VAL A 80 -3.52 -17.31 3.21
N ALA A 81 -3.97 -18.12 4.16
CA ALA A 81 -3.12 -18.90 5.03
C ALA A 81 -3.17 -20.08 4.02
N VAL A 82 -4.30 -20.18 3.39
CA VAL A 82 -4.48 -21.13 2.34
C VAL A 82 -3.63 -20.93 1.09
N GLU A 83 -3.60 -19.69 0.61
CA GLU A 83 -2.73 -19.31 -0.52
C GLU A 83 -1.25 -19.49 -0.23
N LEU A 84 -0.86 -19.16 0.98
CA LEU A 84 0.55 -19.20 1.34
C LEU A 84 1.10 -20.63 1.24
N LYS A 85 0.28 -21.62 1.60
CA LYS A 85 0.65 -23.06 1.46
C LYS A 85 1.12 -23.40 0.04
N SER A 86 0.34 -22.97 -0.95
CA SER A 86 0.65 -23.25 -2.34
C SER A 86 1.94 -22.59 -2.78
N LEU A 87 2.18 -21.38 -2.29
CA LEU A 87 3.34 -20.62 -2.72
C LEU A 87 4.62 -21.06 -2.02
N LEU A 88 4.47 -21.57 -0.79
CA LEU A 88 5.62 -22.00 0.03
C LEU A 88 6.02 -23.42 -0.24
N GLY A 89 5.02 -24.28 -0.50
CA GLY A 89 5.22 -25.71 -0.52
C GLY A 89 5.36 -26.31 0.88
N LYS A 90 4.81 -25.61 1.88
CA LYS A 90 4.75 -26.09 3.27
C LYS A 90 3.36 -25.73 3.82
N ASP A 91 2.80 -26.55 4.72
CA ASP A 91 1.47 -26.22 5.28
C ASP A 91 1.57 -25.06 6.31
N VAL A 92 0.45 -24.36 6.52
CA VAL A 92 0.42 -23.20 7.42
C VAL A 92 -0.80 -23.34 8.34
N LEU A 93 -0.58 -23.16 9.64
CA LEU A 93 -1.60 -23.21 10.65
C LEU A 93 -2.16 -21.81 10.87
N PHE A 94 -3.46 -21.66 10.72
CA PHE A 94 -4.12 -20.39 10.92
C PHE A 94 -4.71 -20.31 12.30
N LEU A 95 -4.38 -19.25 13.03
CA LEU A 95 -4.98 -18.99 14.33
C LEU A 95 -6.04 -17.88 14.22
N LYS A 96 -7.12 -18.02 14.98
CA LYS A 96 -8.24 -17.06 14.89
C LYS A 96 -8.07 -15.80 15.75
N ASP A 97 -6.90 -15.62 16.35
CA ASP A 97 -6.55 -14.39 17.01
C ASP A 97 -5.06 -14.14 16.80
N CYS A 98 -4.55 -13.03 17.34
CA CYS A 98 -3.12 -12.71 17.28
C CYS A 98 -2.44 -12.49 18.64
N VAL A 99 -3.22 -12.52 19.72
CA VAL A 99 -2.76 -12.42 21.12
C VAL A 99 -3.91 -13.13 21.95
N GLY A 100 -3.54 -13.24 23.18
CA GLY A 100 -4.20 -14.06 24.11
C GLY A 100 -3.38 -15.26 24.48
N PRO A 101 -3.81 -15.82 25.58
CA PRO A 101 -3.21 -17.03 26.13
C PRO A 101 -3.24 -18.15 25.16
N GLU A 102 -4.26 -18.26 24.38
CA GLU A 102 -4.30 -19.38 23.42
C GLU A 102 -3.30 -19.23 22.26
N VAL A 103 -3.20 -18.04 21.70
CA VAL A 103 -2.19 -17.77 20.66
C VAL A 103 -0.78 -18.00 21.23
N GLU A 104 -0.56 -17.52 22.45
CA GLU A 104 0.73 -17.66 23.11
C GLU A 104 1.10 -19.12 23.31
N LYS A 105 0.14 -19.96 23.65
CA LYS A 105 0.39 -21.40 23.78
C LYS A 105 0.73 -22.06 22.43
N ALA A 106 -0.02 -21.71 21.39
CA ALA A 106 0.21 -22.24 20.05
C ALA A 106 1.61 -21.91 19.54
N CYS A 107 2.15 -20.76 19.95
CA CYS A 107 3.45 -20.30 19.47
C CYS A 107 4.63 -20.54 20.42
N ALA A 108 4.36 -20.96 21.65
CA ALA A 108 5.38 -21.05 22.69
C ALA A 108 6.45 -22.09 22.42
N ASN A 109 6.03 -23.24 21.92
CA ASN A 109 6.93 -24.37 21.75
C ASN A 109 6.50 -25.24 20.58
N PRO A 110 6.57 -24.67 19.37
CA PRO A 110 6.00 -25.38 18.24
C PRO A 110 6.91 -26.49 17.73
N ALA A 111 6.31 -27.44 17.02
CA ALA A 111 7.06 -28.47 16.30
C ALA A 111 8.03 -27.79 15.32
N ALA A 112 9.18 -28.42 15.11
CA ALA A 112 10.21 -27.93 14.22
C ALA A 112 9.66 -27.61 12.83
N GLY A 113 9.93 -26.40 12.36
CA GLY A 113 9.54 -26.01 11.01
C GLY A 113 8.11 -25.49 10.87
N SER A 114 7.45 -25.24 12.00
CA SER A 114 6.05 -24.78 11.98
C SER A 114 5.88 -23.39 11.38
N VAL A 115 4.96 -23.24 10.43
CA VAL A 115 4.56 -21.93 9.93
C VAL A 115 3.16 -21.63 10.46
N ILE A 116 2.99 -20.46 11.06
CA ILE A 116 1.75 -20.07 11.75
C ILE A 116 1.37 -18.67 11.26
N LEU A 117 0.11 -18.51 10.85
CA LEU A 117 -0.40 -17.20 10.47
C LEU A 117 -1.45 -16.78 11.49
N LEU A 118 -1.24 -15.61 12.09
CA LEU A 118 -2.16 -15.03 13.07
C LEU A 118 -3.30 -14.30 12.36
N GLU A 119 -4.41 -14.13 13.06
CA GLU A 119 -5.51 -13.36 12.52
C GLU A 119 -5.18 -11.86 12.46
N ASN A 120 -5.93 -11.15 11.63
CA ASN A 120 -5.85 -9.69 11.41
C ASN A 120 -5.54 -8.91 12.68
N LEU A 121 -4.39 -8.25 12.68
CA LEU A 121 -3.90 -7.47 13.82
C LEU A 121 -4.83 -6.30 14.13
N ARG A 122 -5.50 -5.77 13.12
CA ARG A 122 -6.37 -4.59 13.32
C ARG A 122 -7.77 -4.94 13.87
N PHE A 123 -8.00 -6.23 14.19
CA PHE A 123 -9.17 -6.60 14.99
C PHE A 123 -9.01 -6.13 16.44
N HIS A 124 -7.80 -5.69 16.79
CA HIS A 124 -7.51 -5.11 18.09
C HIS A 124 -7.15 -3.66 17.91
N VAL A 125 -7.77 -2.78 18.71
CA VAL A 125 -7.55 -1.34 18.62
C VAL A 125 -6.09 -0.99 18.98
N GLU A 126 -5.42 -1.85 19.74
CA GLU A 126 -4.04 -1.62 20.18
C GLU A 126 -3.00 -1.64 19.05
N GLU A 127 -3.34 -2.20 17.90
CA GLU A 127 -2.39 -2.26 16.76
C GLU A 127 -2.15 -0.84 16.24
N GLU A 128 -3.22 -0.13 15.88
CA GLU A 128 -3.11 1.24 15.38
CA GLU A 128 -3.12 1.24 15.38
C GLU A 128 -2.80 2.39 16.40
N GLY A 129 -3.07 2.34 17.70
CA GLY A 129 -4.18 1.85 18.40
C GLY A 129 -5.10 3.08 18.62
N LYS A 130 -5.97 3.24 17.66
CA LYS A 130 -7.17 4.03 17.75
C LYS A 130 -8.02 3.29 16.77
N GLY A 131 -9.33 3.57 16.73
CA GLY A 131 -10.24 3.06 15.73
C GLY A 131 -11.68 3.48 16.08
N GLU A 142 -5.05 3.90 24.60
CA GLU A 142 -5.31 2.88 25.64
C GLU A 142 -3.98 2.31 26.23
N PRO A 143 -3.20 3.17 26.93
CA PRO A 143 -1.74 2.90 26.96
C PRO A 143 -1.28 1.60 27.59
N ALA A 144 -1.90 1.16 28.67
CA ALA A 144 -1.47 -0.07 29.24
C ALA A 144 -1.89 -1.27 28.44
N LYS A 145 -2.97 -1.12 27.72
CA LYS A 145 -3.40 -2.19 26.84
C LYS A 145 -2.51 -2.28 25.58
N ILE A 146 -2.07 -1.13 25.07
CA ILE A 146 -1.08 -1.09 23.98
C ILE A 146 0.21 -1.80 24.40
N GLU A 147 0.70 -1.51 25.60
CA GLU A 147 1.87 -2.22 26.17
C GLU A 147 1.64 -3.73 26.22
N ALA A 148 0.49 -4.16 26.76
CA ALA A 148 0.17 -5.58 26.88
C ALA A 148 0.06 -6.28 25.51
N PHE A 149 -0.48 -5.55 24.54
CA PHE A 149 -0.61 -6.07 23.18
C PHE A 149 0.77 -6.32 22.58
N ARG A 150 1.62 -5.32 22.69
CA ARG A 150 3.00 -5.40 22.21
C ARG A 150 3.78 -6.48 22.95
N ALA A 151 3.57 -6.58 24.25
CA ALA A 151 4.20 -7.64 25.06
C ALA A 151 3.76 -9.04 24.58
N SER A 152 2.47 -9.22 24.31
CA SER A 152 1.97 -10.51 23.80
C SER A 152 2.57 -10.92 22.45
N LEU A 153 2.59 -10.00 21.49
CA LEU A 153 3.19 -10.27 20.20
C LEU A 153 4.66 -10.67 20.36
N SER A 154 5.36 -10.02 21.29
CA SER A 154 6.79 -10.24 21.51
C SER A 154 7.11 -11.65 22.06
N LYS A 155 6.13 -12.26 22.72
CA LYS A 155 6.31 -13.61 23.23
C LYS A 155 6.26 -14.68 22.15
N LEU A 156 5.72 -14.34 20.98
CA LEU A 156 5.45 -15.31 19.92
CA LEU A 156 5.46 -15.33 19.93
C LEU A 156 6.68 -15.74 19.13
N GLY A 157 7.80 -15.03 19.32
CA GLY A 157 9.07 -15.40 18.70
C GLY A 157 10.22 -15.05 19.63
N ASP A 158 11.40 -15.59 19.32
CA ASP A 158 12.63 -15.25 19.99
C ASP A 158 13.39 -14.11 19.30
N VAL A 159 13.20 -14.02 17.99
CA VAL A 159 13.77 -12.96 17.17
C VAL A 159 12.66 -12.40 16.27
N TYR A 160 12.81 -11.16 15.80
CA TYR A 160 11.79 -10.51 14.96
C TYR A 160 12.33 -10.11 13.63
N VAL A 161 11.51 -10.31 12.60
CA VAL A 161 11.82 -9.87 11.25
C VAL A 161 10.67 -9.01 10.77
N ASN A 162 10.99 -7.87 10.17
CA ASN A 162 9.96 -7.06 9.50
C ASN A 162 10.20 -7.12 8.00
N ASP A 163 9.29 -7.78 7.29
CA ASP A 163 9.31 -7.80 5.81
C ASP A 163 8.16 -7.04 5.22
N ALA A 164 7.48 -6.25 6.05
CA ALA A 164 6.23 -5.61 5.64
C ALA A 164 6.48 -4.25 5.00
N PHE A 165 7.13 -4.27 3.82
CA PHE A 165 7.42 -3.04 3.12
C PHE A 165 6.17 -2.20 2.91
N GLY A 166 5.09 -2.84 2.48
CA GLY A 166 3.86 -2.13 2.15
C GLY A 166 3.21 -1.44 3.36
N THR A 167 3.63 -1.81 4.57
CA THR A 167 3.12 -1.19 5.80
C THR A 167 4.18 -0.36 6.51
N ALA A 168 5.33 -0.18 5.87
CA ALA A 168 6.50 0.36 6.60
C ALA A 168 6.36 1.81 7.03
N HIS A 169 5.42 2.52 6.41
CA HIS A 169 5.09 3.89 6.78
C HIS A 169 4.27 4.02 8.07
N ARG A 170 3.78 2.89 8.58
CA ARG A 170 2.88 2.88 9.74
C ARG A 170 3.60 2.53 11.03
N ALA A 171 3.59 3.46 11.96
CA ALA A 171 4.19 3.29 13.30
C ALA A 171 3.21 2.56 14.21
N HIS A 172 2.81 1.36 13.78
CA HIS A 172 1.81 0.56 14.49
C HIS A 172 2.49 -0.47 15.37
N SER A 173 1.75 -1.04 16.31
CA SER A 173 2.34 -1.87 17.35
C SER A 173 3.20 -2.98 16.78
N SER A 174 2.66 -3.71 15.81
CA SER A 174 3.36 -4.84 15.21
C SER A 174 4.60 -4.42 14.40
N MET A 175 4.70 -3.13 14.07
CA MET A 175 5.73 -2.60 13.16
C MET A 175 6.87 -1.91 13.87
N VAL A 176 6.58 -1.33 15.03
CA VAL A 176 7.57 -0.60 15.81
C VAL A 176 7.63 -1.01 17.29
N GLY A 177 6.71 -1.87 17.73
CA GLY A 177 6.51 -2.08 19.15
C GLY A 177 6.95 -3.43 19.69
N VAL A 178 7.50 -4.28 18.84
CA VAL A 178 7.93 -5.61 19.28
C VAL A 178 9.23 -5.47 20.06
N ASN A 179 9.26 -6.06 21.24
CA ASN A 179 10.39 -5.97 22.14
C ASN A 179 11.10 -7.31 22.19
N LEU A 180 12.00 -7.51 21.22
CA LEU A 180 12.96 -8.60 21.24
C LEU A 180 14.36 -8.03 20.95
N PRO A 181 15.42 -8.73 21.40
CA PRO A 181 16.81 -8.23 21.23
C PRO A 181 17.23 -8.00 19.78
N GLN A 182 16.78 -8.85 18.89
CA GLN A 182 17.14 -8.76 17.48
C GLN A 182 15.92 -8.53 16.64
N LYS A 183 15.91 -7.38 15.94
CA LYS A 183 14.83 -6.94 15.08
C LYS A 183 15.42 -6.66 13.69
N ALA A 184 15.18 -7.58 12.75
CA ALA A 184 15.87 -7.58 11.49
C ALA A 184 14.97 -7.20 10.34
N GLY A 185 15.51 -6.48 9.36
CA GLY A 185 14.82 -6.27 8.10
C GLY A 185 14.87 -7.51 7.23
N GLY A 186 13.74 -7.87 6.64
CA GLY A 186 13.62 -8.99 5.73
C GLY A 186 14.08 -8.64 4.32
N PHE A 187 14.12 -9.66 3.47
CA PHE A 187 14.64 -9.50 2.12
C PHE A 187 13.76 -8.62 1.18
N LEU A 188 12.46 -8.63 1.41
CA LEU A 188 11.57 -7.76 0.63
C LEU A 188 11.76 -6.31 1.04
N MET A 189 11.86 -6.08 2.34
CA MET A 189 12.16 -4.76 2.82
C MET A 189 13.43 -4.24 2.17
N LYS A 190 14.45 -5.08 2.20
CA LYS A 190 15.74 -4.72 1.59
C LYS A 190 15.66 -4.48 0.06
N LYS A 191 15.01 -5.38 -0.65
CA LYS A 191 14.88 -5.27 -2.11
C LYS A 191 14.17 -3.98 -2.48
N GLU A 192 13.05 -3.68 -1.83
CA GLU A 192 12.29 -2.49 -2.15
C GLU A 192 13.07 -1.23 -1.78
N LEU A 193 13.63 -1.17 -0.58
CA LEU A 193 14.37 0.03 -0.19
C LEU A 193 15.56 0.25 -1.12
N ASN A 194 16.21 -0.83 -1.53
CA ASN A 194 17.35 -0.68 -2.47
C ASN A 194 16.91 -0.17 -3.81
N TYR A 195 15.80 -0.67 -4.33
CA TYR A 195 15.33 -0.21 -5.61
C TYR A 195 15.05 1.29 -5.55
N PHE A 196 14.31 1.71 -4.53
CA PHE A 196 13.94 3.13 -4.40
C PHE A 196 15.15 4.00 -4.12
N ALA A 197 16.13 3.51 -3.35
CA ALA A 197 17.27 4.35 -3.04
C ALA A 197 17.95 4.72 -4.34
N LYS A 198 18.06 3.78 -5.25
CA LYS A 198 18.73 4.01 -6.51
C LYS A 198 17.87 4.89 -7.43
N ALA A 199 16.58 4.62 -7.50
CA ALA A 199 15.70 5.32 -8.42
C ALA A 199 15.42 6.75 -7.98
N LEU A 200 15.53 7.01 -6.69
CA LEU A 200 15.22 8.34 -6.15
C LEU A 200 16.45 9.20 -5.92
N GLU A 201 17.64 8.64 -6.09
CA GLU A 201 18.89 9.39 -5.86
C GLU A 201 19.05 10.55 -6.83
N SER A 202 18.85 10.27 -8.12
CA SER A 202 18.97 11.27 -9.17
C SER A 202 17.96 10.94 -10.26
N PRO A 203 16.68 11.19 -9.97
CA PRO A 203 15.64 10.77 -10.89
C PRO A 203 15.83 11.37 -12.26
N GLU A 204 15.38 10.64 -13.29
CA GLU A 204 15.32 11.21 -14.62
C GLU A 204 14.19 12.22 -14.67
N ARG A 205 14.38 13.29 -15.42
CA ARG A 205 13.46 14.40 -15.42
C ARG A 205 13.01 14.76 -16.81
N PRO A 206 11.75 15.20 -16.95
CA PRO A 206 10.78 15.43 -15.88
C PRO A 206 10.37 14.15 -15.13
N PHE A 207 10.23 14.31 -13.81
CA PHE A 207 9.82 13.24 -12.90
C PHE A 207 8.35 13.50 -12.57
N LEU A 208 7.50 12.58 -13.01
CA LEU A 208 6.05 12.64 -12.83
C LEU A 208 5.58 11.73 -11.70
N ALA A 209 4.81 12.28 -10.75
CA ALA A 209 4.06 11.47 -9.78
C ALA A 209 2.60 11.42 -10.20
N ILE A 210 2.03 10.22 -10.21
CA ILE A 210 0.61 9.99 -10.48
C ILE A 210 -0.02 9.52 -9.19
N LEU A 211 -0.91 10.32 -8.65
CA LEU A 211 -1.53 10.07 -7.33
C LEU A 211 -3.02 9.94 -7.54
N GLY A 212 -3.51 8.72 -7.43
CA GLY A 212 -4.93 8.42 -7.54
C GLY A 212 -5.44 7.70 -6.30
N GLY A 213 -6.36 6.77 -6.49
CA GLY A 213 -6.82 5.92 -5.43
C GLY A 213 -7.96 6.44 -4.59
N ALA A 214 -8.09 5.87 -3.40
CA ALA A 214 -9.22 6.12 -2.50
C ALA A 214 -8.86 6.56 -1.10
N LYS A 215 -7.58 6.59 -0.77
CA LYS A 215 -7.15 6.92 0.59
C LYS A 215 -6.84 8.40 0.66
N VAL A 216 -7.89 9.19 0.47
CA VAL A 216 -7.71 10.61 0.24
C VAL A 216 -7.23 11.31 1.50
N ALA A 217 -7.83 11.04 2.64
CA ALA A 217 -7.43 11.71 3.89
C ALA A 217 -5.93 11.53 4.16
N ASP A 218 -5.42 10.31 3.97
CA ASP A 218 -4.02 10.08 4.23
C ASP A 218 -3.14 10.68 3.15
N LYS A 219 -3.48 10.46 1.89
CA LYS A 219 -2.51 10.71 0.83
C LYS A 219 -2.51 12.17 0.37
N ILE A 220 -3.59 12.88 0.58
CA ILE A 220 -3.56 14.32 0.33
C ILE A 220 -2.50 15.02 1.18
N GLN A 221 -2.15 14.44 2.32
CA GLN A 221 -1.18 15.00 3.24
C GLN A 221 0.27 14.74 2.82
N LEU A 222 0.47 13.95 1.77
CA LEU A 222 1.81 13.61 1.28
C LEU A 222 2.21 14.56 0.16
N ILE A 223 1.26 15.32 -0.37
CA ILE A 223 1.49 16.12 -1.58
C ILE A 223 2.51 17.22 -1.28
N ASN A 224 2.38 17.89 -0.13
CA ASN A 224 3.23 19.02 0.22
C ASN A 224 4.69 18.70 0.03
N ASN A 225 5.14 17.57 0.59
CA ASN A 225 6.56 17.22 0.50
C ASN A 225 6.89 16.65 -0.87
N MET A 226 5.94 15.97 -1.51
CA MET A 226 6.21 15.45 -2.84
CA MET A 226 6.16 15.44 -2.85
C MET A 226 6.44 16.59 -3.82
N LEU A 227 5.84 17.76 -3.60
CA LEU A 227 6.05 18.89 -4.49
C LEU A 227 7.46 19.46 -4.49
N ASP A 228 8.27 19.02 -3.53
CA ASP A 228 9.67 19.42 -3.54
C ASP A 228 10.56 18.45 -4.32
N LYS A 229 9.98 17.37 -4.85
CA LYS A 229 10.76 16.28 -5.46
C LYS A 229 10.43 16.03 -6.94
N VAL A 230 9.21 16.31 -7.35
CA VAL A 230 8.77 15.98 -8.70
C VAL A 230 8.61 17.22 -9.55
N ASN A 231 8.54 17.03 -10.86
CA ASN A 231 8.32 18.13 -11.77
C ASN A 231 6.90 18.22 -12.31
N GLU A 232 6.12 17.13 -12.20
CA GLU A 232 4.72 17.13 -12.61
C GLU A 232 3.95 16.20 -11.69
N MET A 233 2.65 16.44 -11.51
CA MET A 233 1.81 15.54 -10.75
C MET A 233 0.46 15.44 -11.40
N ILE A 234 0.06 14.22 -11.65
CA ILE A 234 -1.35 13.91 -11.97
C ILE A 234 -2.03 13.66 -10.62
N ILE A 235 -3.15 14.33 -10.39
CA ILE A 235 -3.98 14.11 -9.20
C ILE A 235 -5.32 13.57 -9.72
N GLY A 236 -5.53 12.27 -9.58
CA GLY A 236 -6.66 11.58 -10.20
C GLY A 236 -7.39 10.69 -9.21
N GLY A 237 -8.16 9.77 -9.75
CA GLY A 237 -8.97 8.89 -8.96
C GLY A 237 -9.82 9.63 -7.97
N GLY A 238 -9.93 9.07 -6.76
CA GLY A 238 -10.69 9.68 -5.72
C GLY A 238 -10.08 10.95 -5.18
N MET A 239 -8.78 11.20 -5.42
CA MET A 239 -8.11 12.35 -4.87
CA MET A 239 -8.08 12.37 -4.90
C MET A 239 -8.59 13.66 -5.50
N ALA A 240 -9.02 13.58 -6.76
CA ALA A 240 -9.26 14.78 -7.54
C ALA A 240 -10.40 15.60 -7.03
N PHE A 241 -11.43 14.96 -6.49
CA PHE A 241 -12.66 15.70 -6.18
C PHE A 241 -12.51 16.76 -5.11
N THR A 242 -11.67 16.54 -4.13
CA THR A 242 -11.40 17.55 -3.15
C THR A 242 -10.80 18.80 -3.80
N PHE A 243 -9.87 18.59 -4.75
CA PHE A 243 -9.25 19.69 -5.48
C PHE A 243 -10.25 20.45 -6.32
N LEU A 244 -11.08 19.72 -7.07
CA LEU A 244 -12.03 20.34 -7.99
C LEU A 244 -13.17 21.09 -7.29
N LYS A 245 -13.64 20.55 -6.16
CA LYS A 245 -14.63 21.25 -5.35
C LYS A 245 -14.11 22.61 -4.89
N VAL A 246 -12.89 22.64 -4.38
CA VAL A 246 -12.28 23.86 -3.87
C VAL A 246 -11.89 24.83 -4.99
N LEU A 247 -11.17 24.33 -5.99
CA LEU A 247 -10.63 25.21 -7.03
C LEU A 247 -11.68 25.67 -8.04
N ASN A 248 -12.55 24.76 -8.45
CA ASN A 248 -13.51 25.01 -9.54
C ASN A 248 -14.92 25.23 -9.05
N ASN A 249 -15.14 25.17 -7.75
CA ASN A 249 -16.50 25.18 -7.20
C ASN A 249 -17.39 24.13 -7.88
N MET A 250 -16.78 23.01 -8.23
CA MET A 250 -17.48 21.94 -8.91
C MET A 250 -18.39 21.19 -7.95
N GLU A 251 -19.61 20.92 -8.41
CA GLU A 251 -20.49 19.95 -7.75
C GLU A 251 -19.94 18.55 -7.96
N ILE A 252 -19.74 17.85 -6.86
CA ILE A 252 -19.09 16.53 -6.89
C ILE A 252 -19.99 15.40 -6.40
N GLY A 253 -21.24 15.68 -6.08
CA GLY A 253 -22.16 14.65 -5.62
C GLY A 253 -21.63 13.90 -4.42
N THR A 254 -21.74 12.58 -4.47
CA THR A 254 -21.28 11.71 -3.38
C THR A 254 -19.85 11.19 -3.63
N SER A 255 -19.09 11.80 -4.54
CA SER A 255 -17.69 11.40 -4.76
C SER A 255 -16.86 11.57 -3.49
N LEU A 256 -15.76 10.84 -3.42
CA LEU A 256 -14.87 10.95 -2.26
C LEU A 256 -14.43 12.40 -2.05
N PHE A 257 -14.48 12.84 -0.80
CA PHE A 257 -14.15 14.20 -0.45
C PHE A 257 -13.52 14.21 0.93
N ASP A 258 -12.48 15.01 1.10
CA ASP A 258 -11.81 15.12 2.39
C ASP A 258 -11.88 16.55 2.91
N GLU A 259 -12.70 16.77 3.93
CA GLU A 259 -12.85 18.10 4.52
C GLU A 259 -11.54 18.73 4.98
N GLU A 260 -10.68 17.95 5.61
CA GLU A 260 -9.44 18.50 6.13
C GLU A 260 -8.49 18.87 5.01
N GLY A 261 -8.35 18.00 4.03
CA GLY A 261 -7.48 18.26 2.91
C GLY A 261 -7.98 19.42 2.06
N ALA A 262 -9.28 19.64 2.02
CA ALA A 262 -9.82 20.79 1.28
C ALA A 262 -9.21 22.09 1.78
N LYS A 263 -8.92 22.15 3.07
CA LYS A 263 -8.40 23.35 3.66
C LYS A 263 -7.00 23.71 3.24
N ILE A 264 -6.27 22.76 2.62
CA ILE A 264 -4.90 23.02 2.15
C ILE A 264 -4.76 23.00 0.65
N VAL A 265 -5.84 22.74 -0.09
CA VAL A 265 -5.78 22.67 -1.54
C VAL A 265 -5.16 23.92 -2.18
N LYS A 266 -5.59 25.11 -1.81
CA LYS A 266 -5.04 26.30 -2.43
C LYS A 266 -3.56 26.49 -2.09
N ASP A 267 -3.18 26.19 -0.86
CA ASP A 267 -1.77 26.25 -0.48
C ASP A 267 -0.93 25.27 -1.30
N LEU A 268 -1.43 24.06 -1.50
CA LEU A 268 -0.74 23.08 -2.33
C LEU A 268 -0.56 23.60 -3.75
N MET A 269 -1.61 24.16 -4.35
CA MET A 269 -1.49 24.68 -5.71
C MET A 269 -0.52 25.85 -5.77
N SER A 270 -0.52 26.70 -4.75
CA SER A 270 0.45 27.80 -4.65
C SER A 270 1.87 27.27 -4.64
N LYS A 271 2.09 26.21 -3.87
CA LYS A 271 3.43 25.60 -3.77
C LYS A 271 3.84 24.98 -5.08
N ALA A 272 2.91 24.31 -5.74
CA ALA A 272 3.21 23.72 -7.06
C ALA A 272 3.63 24.81 -8.04
N GLU A 273 2.94 25.95 -8.01
CA GLU A 273 3.29 27.06 -8.88
C GLU A 273 4.70 27.57 -8.52
N LYS A 274 4.94 27.79 -7.23
CA LYS A 274 6.25 28.25 -6.76
C LYS A 274 7.39 27.32 -7.22
N ASN A 275 7.13 26.02 -7.22
CA ASN A 275 8.16 25.03 -7.51
C ASN A 275 8.18 24.58 -8.97
N GLY A 276 7.35 25.17 -9.80
CA GLY A 276 7.28 24.81 -11.21
C GLY A 276 6.79 23.42 -11.49
N VAL A 277 5.87 22.95 -10.65
CA VAL A 277 5.29 21.61 -10.80
C VAL A 277 3.96 21.72 -11.52
N LYS A 278 3.87 21.18 -12.74
CA LYS A 278 2.61 21.17 -13.49
C LYS A 278 1.66 20.15 -12.88
N ILE A 279 0.46 20.60 -12.52
CA ILE A 279 -0.59 19.76 -11.96
C ILE A 279 -1.63 19.47 -13.01
N THR A 280 -1.88 18.18 -13.23
CA THR A 280 -2.89 17.73 -14.14
C THR A 280 -4.02 17.04 -13.35
N LEU A 281 -5.17 17.70 -13.35
CA LEU A 281 -6.39 17.21 -12.75
C LEU A 281 -7.30 16.73 -13.88
N PRO A 282 -8.23 15.83 -13.57
CA PRO A 282 -9.20 15.43 -14.60
C PRO A 282 -10.18 16.53 -14.92
N VAL A 283 -10.78 16.41 -16.10
CA VAL A 283 -11.73 17.39 -16.61
C VAL A 283 -13.10 16.76 -16.96
N ASP A 284 -13.18 15.44 -16.86
CA ASP A 284 -14.40 14.71 -17.20
C ASP A 284 -14.41 13.37 -16.48
N PHE A 285 -15.60 12.75 -16.42
CA PHE A 285 -15.87 11.65 -15.49
C PHE A 285 -16.91 10.69 -16.03
N VAL A 286 -16.76 9.44 -15.59
CA VAL A 286 -17.81 8.44 -15.64
C VAL A 286 -18.43 8.44 -14.24
N THR A 287 -19.73 8.61 -14.18
CA THR A 287 -20.46 8.71 -12.92
C THR A 287 -21.27 7.49 -12.65
N ALA A 288 -21.69 7.33 -11.40
CA ALA A 288 -22.43 6.16 -10.96
C ALA A 288 -23.46 6.63 -9.95
N ASP A 289 -24.61 5.98 -9.93
CA ASP A 289 -25.70 6.36 -9.03
C ASP A 289 -25.58 5.74 -7.63
N LYS A 290 -24.58 4.87 -7.46
CA LYS A 290 -24.25 4.27 -6.16
C LYS A 290 -22.92 3.57 -6.31
N PHE A 291 -22.31 3.24 -5.17
CA PHE A 291 -21.02 2.56 -5.17
C PHE A 291 -21.23 1.07 -5.37
N ASP A 292 -21.43 0.67 -6.61
CA ASP A 292 -21.74 -0.71 -6.95
C ASP A 292 -21.30 -0.99 -8.36
N GLU A 293 -20.76 -2.19 -8.56
CA GLU A 293 -20.37 -2.68 -9.88
C GLU A 293 -21.46 -2.55 -10.95
N ASN A 294 -22.73 -2.71 -10.57
CA ASN A 294 -23.83 -2.58 -11.53
C ASN A 294 -24.68 -1.32 -11.35
N ALA A 295 -24.07 -0.29 -10.80
CA ALA A 295 -24.71 1.02 -10.72
C ALA A 295 -25.12 1.48 -12.12
N LYS A 296 -26.15 2.32 -12.19
CA LYS A 296 -26.41 3.07 -13.39
C LYS A 296 -25.29 4.08 -13.58
N THR A 297 -24.95 4.36 -14.82
CA THR A 297 -23.81 5.21 -15.09
C THR A 297 -24.17 6.41 -15.95
N GLY A 298 -23.30 7.41 -15.90
CA GLY A 298 -23.47 8.61 -16.69
C GLY A 298 -22.14 9.22 -17.04
N GLN A 299 -22.19 10.44 -17.53
CA GLN A 299 -21.00 11.19 -17.87
C GLN A 299 -21.11 12.60 -17.30
N ALA A 300 -19.98 13.20 -16.94
CA ALA A 300 -19.96 14.57 -16.50
C ALA A 300 -18.64 15.24 -16.82
N THR A 301 -18.65 16.58 -16.86
CA THR A 301 -17.42 17.37 -17.03
C THR A 301 -17.28 18.22 -15.79
N VAL A 302 -16.11 18.84 -15.62
CA VAL A 302 -15.96 19.78 -14.53
C VAL A 302 -17.00 20.90 -14.67
N ALA A 303 -17.24 21.37 -15.89
CA ALA A 303 -18.24 22.41 -16.14
C ALA A 303 -19.67 22.02 -15.80
N SER A 304 -20.06 20.78 -16.07
CA SER A 304 -21.44 20.35 -15.84
C SER A 304 -21.64 20.07 -14.37
N GLY A 305 -20.55 19.65 -13.71
CA GLY A 305 -20.65 19.11 -12.37
C GLY A 305 -21.22 17.71 -12.40
N ILE A 306 -21.19 17.07 -11.25
CA ILE A 306 -21.77 15.74 -11.05
C ILE A 306 -23.08 15.91 -10.32
N PRO A 307 -24.15 15.27 -10.81
CA PRO A 307 -25.45 15.39 -10.16
C PRO A 307 -25.45 14.95 -8.71
N ALA A 308 -26.33 15.56 -7.93
CA ALA A 308 -26.54 15.17 -6.54
C ALA A 308 -26.89 13.68 -6.49
N GLY A 309 -26.31 12.97 -5.54
CA GLY A 309 -26.54 11.53 -5.39
C GLY A 309 -25.75 10.62 -6.32
N TRP A 310 -24.91 11.21 -7.17
CA TRP A 310 -24.03 10.46 -8.10
C TRP A 310 -22.58 10.67 -7.72
N MET A 311 -21.74 9.71 -8.02
CA MET A 311 -20.30 9.79 -7.70
C MET A 311 -19.44 9.57 -8.94
N GLY A 312 -18.30 10.24 -8.99
CA GLY A 312 -17.36 10.06 -10.08
C GLY A 312 -16.49 8.86 -9.75
N LEU A 313 -16.57 7.82 -10.56
CA LEU A 313 -15.80 6.59 -10.31
C LEU A 313 -14.76 6.29 -11.39
N ASP A 314 -14.74 7.08 -12.45
CA ASP A 314 -13.65 7.04 -13.43
C ASP A 314 -13.49 8.43 -13.99
N CYS A 315 -12.32 8.69 -14.58
CA CYS A 315 -12.18 9.87 -15.45
C CYS A 315 -12.78 9.51 -16.81
N GLY A 316 -12.95 10.51 -17.66
CA GLY A 316 -13.42 10.33 -19.01
C GLY A 316 -12.31 10.52 -20.04
N PRO A 317 -12.69 10.58 -21.31
CA PRO A 317 -11.69 10.54 -22.37
C PRO A 317 -10.81 11.77 -22.47
N GLU A 318 -11.36 12.93 -22.14
CA GLU A 318 -10.57 14.16 -22.25
C GLU A 318 -9.56 14.15 -21.12
N SER A 319 -9.91 13.62 -19.96
CA SER A 319 -8.92 13.48 -18.88
C SER A 319 -7.79 12.52 -19.28
N SER A 320 -8.18 11.40 -19.88
CA SER A 320 -7.16 10.42 -20.33
C SER A 320 -6.19 11.04 -21.28
N LYS A 321 -6.66 11.92 -22.16
CA LYS A 321 -5.77 12.62 -23.09
C LYS A 321 -4.75 13.49 -22.33
N LYS A 322 -5.23 14.25 -21.34
CA LYS A 322 -4.34 15.10 -20.52
C LYS A 322 -3.34 14.27 -19.70
N TYR A 323 -3.80 13.16 -19.16
CA TYR A 323 -2.90 12.24 -18.46
C TYR A 323 -1.82 11.71 -19.42
N ALA A 324 -2.24 11.29 -20.62
CA ALA A 324 -1.33 10.81 -21.64
C ALA A 324 -0.27 11.86 -21.98
N GLU A 325 -0.68 13.12 -22.08
CA GLU A 325 0.27 14.20 -22.39
C GLU A 325 1.37 14.30 -21.33
N ALA A 326 0.99 14.18 -20.07
CA ALA A 326 1.96 14.24 -18.96
C ALA A 326 2.91 13.04 -18.99
N VAL A 327 2.37 11.86 -19.28
CA VAL A 327 3.17 10.63 -19.35
C VAL A 327 4.17 10.76 -20.50
N THR A 328 3.76 11.37 -21.61
CA THR A 328 4.64 11.51 -22.76
C THR A 328 5.84 12.40 -22.46
N ARG A 329 5.63 13.42 -21.62
CA ARG A 329 6.72 14.31 -21.18
C ARG A 329 7.65 13.69 -20.15
N ALA A 330 7.18 12.68 -19.44
CA ALA A 330 7.92 12.09 -18.32
C ALA A 330 9.13 11.28 -18.75
N LYS A 331 10.23 11.39 -18.02
CA LYS A 331 11.33 10.45 -18.13
C LYS A 331 11.41 9.49 -16.93
N GLN A 332 10.67 9.79 -15.86
CA GLN A 332 10.51 8.89 -14.75
C GLN A 332 9.13 9.09 -14.16
N ILE A 333 8.49 8.01 -13.75
CA ILE A 333 7.13 8.04 -13.20
C ILE A 333 7.06 7.20 -11.93
N VAL A 334 6.41 7.71 -10.88
CA VAL A 334 5.97 6.91 -9.75
C VAL A 334 4.47 7.05 -9.66
N TRP A 335 3.77 5.92 -9.74
CA TRP A 335 2.31 5.88 -9.80
C TRP A 335 1.78 5.06 -8.60
N ASN A 336 1.02 5.70 -7.74
CA ASN A 336 0.24 5.03 -6.69
C ASN A 336 -1.23 5.53 -6.78
N GLY A 337 -2.16 4.59 -6.99
CA GLY A 337 -3.60 4.87 -6.97
C GLY A 337 -4.23 4.89 -8.34
N PRO A 338 -5.11 3.92 -8.61
CA PRO A 338 -5.76 3.90 -9.91
C PRO A 338 -6.56 5.17 -10.10
N VAL A 339 -6.80 5.55 -11.34
CA VAL A 339 -7.54 6.77 -11.64
C VAL A 339 -9.05 6.56 -11.75
N GLY A 340 -9.51 5.34 -11.48
CA GLY A 340 -10.94 5.04 -11.35
C GLY A 340 -11.09 3.70 -10.68
N VAL A 341 -12.33 3.25 -10.47
CA VAL A 341 -12.61 1.97 -9.77
C VAL A 341 -12.43 0.82 -10.76
N PHE A 342 -11.16 0.50 -10.99
CA PHE A 342 -10.77 -0.35 -12.11
C PHE A 342 -11.19 -1.79 -11.91
N GLU A 343 -11.56 -2.13 -10.67
CA GLU A 343 -12.06 -3.45 -10.33
C GLU A 343 -13.38 -3.75 -10.99
N TRP A 344 -14.13 -2.70 -11.34
CA TRP A 344 -15.43 -2.83 -11.95
C TRP A 344 -15.30 -2.31 -13.38
N GLU A 345 -15.69 -3.13 -14.34
CA GLU A 345 -15.42 -2.81 -15.75
C GLU A 345 -16.00 -1.50 -16.25
N ALA A 346 -17.16 -1.11 -15.73
CA ALA A 346 -17.75 0.18 -16.10
C ALA A 346 -16.86 1.38 -15.78
N PHE A 347 -15.95 1.19 -14.83
CA PHE A 347 -15.13 2.27 -14.29
C PHE A 347 -13.63 2.04 -14.46
N ALA A 348 -13.28 1.14 -15.40
CA ALA A 348 -11.91 0.69 -15.60
C ALA A 348 -11.19 1.35 -16.76
N ARG A 349 -11.92 2.02 -17.65
CA ARG A 349 -11.30 2.49 -18.90
C ARG A 349 -10.19 3.52 -18.71
N GLY A 350 -10.37 4.43 -17.78
CA GLY A 350 -9.37 5.45 -17.54
C GLY A 350 -8.07 4.86 -17.04
N THR A 351 -8.17 3.88 -16.16
CA THR A 351 -6.95 3.27 -15.60
C THR A 351 -6.27 2.40 -16.65
N LYS A 352 -7.06 1.71 -17.46
CA LYS A 352 -6.51 0.92 -18.57
C LYS A 352 -5.77 1.81 -19.56
N ALA A 353 -6.39 2.93 -19.92
CA ALA A 353 -5.79 3.85 -20.87
C ALA A 353 -4.48 4.40 -20.32
N LEU A 354 -4.48 4.74 -19.05
CA LEU A 354 -3.24 5.26 -18.42
C LEU A 354 -2.18 4.16 -18.39
N MET A 355 -2.59 2.94 -18.07
CA MET A 355 -1.65 1.81 -18.11
C MET A 355 -1.05 1.65 -19.49
N ASP A 356 -1.88 1.72 -20.53
CA ASP A 356 -1.35 1.66 -21.91
C ASP A 356 -0.27 2.70 -22.14
N GLU A 357 -0.52 3.93 -21.68
CA GLU A 357 0.44 5.03 -21.83
C GLU A 357 1.74 4.77 -21.08
N VAL A 358 1.61 4.29 -19.83
CA VAL A 358 2.78 4.01 -19.00
C VAL A 358 3.65 2.87 -19.59
N VAL A 359 2.99 1.85 -20.15
CA VAL A 359 3.72 0.77 -20.84
C VAL A 359 4.47 1.29 -22.07
N LYS A 360 3.79 2.11 -22.87
CA LYS A 360 4.42 2.75 -24.04
C LYS A 360 5.60 3.63 -23.63
N ALA A 361 5.45 4.37 -22.53
CA ALA A 361 6.55 5.21 -22.00
C ALA A 361 7.74 4.36 -21.65
N THR A 362 7.50 3.23 -20.99
CA THR A 362 8.60 2.33 -20.60
C THR A 362 9.36 1.85 -21.84
N SER A 363 8.62 1.54 -22.90
CA SER A 363 9.25 0.99 -24.11
C SER A 363 10.18 1.99 -24.82
N ARG A 364 9.97 3.29 -24.60
CA ARG A 364 10.85 4.31 -25.16
C ARG A 364 11.85 4.90 -24.13
N GLY A 365 11.99 4.24 -22.99
CA GLY A 365 13.05 4.54 -22.03
C GLY A 365 12.64 5.20 -20.73
N CYS A 366 11.35 5.42 -20.54
CA CYS A 366 10.89 5.99 -19.28
C CYS A 366 11.09 4.99 -18.13
N ILE A 367 11.54 5.46 -16.98
CA ILE A 367 11.64 4.60 -15.79
C ILE A 367 10.28 4.69 -15.10
N THR A 368 9.56 3.58 -15.06
CA THR A 368 8.17 3.56 -14.60
C THR A 368 8.01 2.65 -13.40
N ILE A 369 7.47 3.21 -12.31
CA ILE A 369 7.34 2.52 -11.05
C ILE A 369 5.89 2.59 -10.65
N ILE A 370 5.26 1.44 -10.49
CA ILE A 370 3.89 1.35 -10.05
C ILE A 370 3.88 0.67 -8.70
N GLY A 371 3.19 1.21 -7.71
CA GLY A 371 3.18 0.57 -6.42
C GLY A 371 1.85 0.61 -5.72
N GLY A 372 1.63 -0.37 -4.87
CA GLY A 372 0.46 -0.41 -3.98
C GLY A 372 -0.28 -1.74 -4.17
N GLY A 373 -1.06 -2.15 -3.17
CA GLY A 373 -1.77 -3.39 -3.23
C GLY A 373 -2.78 -3.41 -4.34
N ASP A 374 -3.51 -2.30 -4.47
CA ASP A 374 -4.53 -2.19 -5.51
C ASP A 374 -3.91 -1.77 -6.84
N THR A 375 -3.00 -0.81 -6.83
CA THR A 375 -2.44 -0.35 -8.10
C THR A 375 -1.63 -1.46 -8.79
N ALA A 376 -0.91 -2.27 -8.03
CA ALA A 376 -0.17 -3.37 -8.62
C ALA A 376 -1.11 -4.38 -9.25
N THR A 377 -2.30 -4.50 -8.71
CA THR A 377 -3.33 -5.36 -9.28
C THR A 377 -3.77 -4.91 -10.65
N CYS A 378 -3.65 -3.62 -10.95
CA CYS A 378 -3.86 -3.16 -12.36
C CYS A 378 -2.88 -3.86 -13.27
N CYS A 379 -1.62 -3.98 -12.83
CA CYS A 379 -0.60 -4.68 -13.61
C CYS A 379 -0.92 -6.16 -13.80
N ALA A 380 -1.40 -6.81 -12.74
CA ALA A 380 -1.82 -8.22 -12.87
C ALA A 380 -2.99 -8.37 -13.85
N LYS A 381 -3.97 -7.47 -13.74
CA LYS A 381 -5.20 -7.55 -14.54
C LYS A 381 -4.96 -7.42 -16.04
N TRP A 382 -4.07 -6.51 -16.41
CA TRP A 382 -3.80 -6.21 -17.79
C TRP A 382 -2.47 -6.78 -18.26
N ASN A 383 -1.86 -7.63 -17.42
CA ASN A 383 -0.65 -8.37 -17.78
C ASN A 383 0.50 -7.44 -18.17
N THR A 384 0.75 -6.45 -17.33
CA THR A 384 1.85 -5.49 -17.56
C THR A 384 2.92 -5.52 -16.47
N GLU A 385 2.96 -6.55 -15.62
CA GLU A 385 3.95 -6.60 -14.54
C GLU A 385 5.39 -6.57 -15.05
N ASP A 386 5.63 -7.14 -16.24
CA ASP A 386 6.98 -7.15 -16.84
C ASP A 386 7.10 -6.11 -17.93
N LYS A 387 6.15 -5.17 -18.02
CA LYS A 387 6.15 -4.17 -19.09
C LYS A 387 6.35 -2.76 -18.53
N VAL A 388 6.58 -2.66 -17.21
CA VAL A 388 7.00 -1.42 -16.54
C VAL A 388 8.31 -1.69 -15.80
N SER A 389 9.00 -0.66 -15.33
CA SER A 389 10.33 -0.89 -14.75
C SER A 389 10.30 -1.62 -13.40
N HIS A 390 9.34 -1.29 -12.54
CA HIS A 390 9.27 -1.89 -11.21
C HIS A 390 7.83 -1.84 -10.71
N VAL A 391 7.34 -2.98 -10.23
CA VAL A 391 6.06 -3.06 -9.55
C VAL A 391 6.34 -3.31 -8.05
N SER A 392 6.00 -2.32 -7.24
CA SER A 392 6.26 -2.36 -5.82
C SER A 392 5.07 -2.85 -5.03
N THR A 393 5.38 -3.57 -3.97
CA THR A 393 4.37 -3.98 -2.97
C THR A 393 3.98 -2.81 -2.05
N GLY A 394 4.69 -1.70 -2.11
CA GLY A 394 4.38 -0.48 -1.38
C GLY A 394 3.81 0.60 -2.29
N GLY A 395 2.78 1.26 -1.79
CA GLY A 395 2.09 2.37 -2.48
C GLY A 395 2.25 3.60 -1.64
N GLY A 396 1.44 3.74 -0.59
CA GLY A 396 1.70 4.79 0.44
C GLY A 396 3.10 4.74 1.02
N ALA A 397 3.65 3.55 1.29
CA ALA A 397 5.00 3.43 1.79
C ALA A 397 5.99 4.02 0.80
N SER A 398 5.78 3.78 -0.47
CA SER A 398 6.67 4.29 -1.53
C SER A 398 6.57 5.81 -1.68
N LEU A 399 5.36 6.36 -1.51
CA LEU A 399 5.18 7.81 -1.59
C LEU A 399 5.90 8.46 -0.43
N GLU A 400 5.85 7.82 0.73
CA GLU A 400 6.56 8.38 1.87
C GLU A 400 8.11 8.35 1.65
N LEU A 401 8.66 7.34 0.95
CA LEU A 401 10.06 7.37 0.51
C LEU A 401 10.31 8.52 -0.46
N LEU A 402 9.36 8.73 -1.37
CA LEU A 402 9.47 9.82 -2.35
C LEU A 402 9.56 11.16 -1.62
N GLU A 403 8.82 11.32 -0.53
CA GLU A 403 8.94 12.52 0.29
C GLU A 403 10.31 12.70 0.92
N GLY A 404 11.10 11.62 1.00
CA GLY A 404 12.44 11.66 1.58
C GLY A 404 12.52 11.27 3.04
N LYS A 405 11.50 10.58 3.56
CA LYS A 405 11.45 10.21 4.96
C LYS A 405 12.08 8.85 5.19
N VAL A 406 12.49 8.61 6.44
CA VAL A 406 12.80 7.31 6.97
C VAL A 406 11.45 6.68 7.38
N LEU A 407 11.20 5.47 6.94
CA LEU A 407 9.97 4.80 7.30
C LEU A 407 10.02 4.26 8.74
N PRO A 408 8.93 4.45 9.53
CA PRO A 408 8.96 3.93 10.89
C PRO A 408 9.29 2.45 11.05
N GLY A 409 8.78 1.61 10.18
CA GLY A 409 9.10 0.18 10.26
C GLY A 409 10.58 -0.13 10.05
N VAL A 410 11.27 0.71 9.29
CA VAL A 410 12.73 0.60 9.13
C VAL A 410 13.47 1.19 10.34
N ASP A 411 13.05 2.38 10.76
CA ASP A 411 13.69 3.03 11.90
C ASP A 411 13.71 2.15 13.15
N ALA A 412 12.65 1.36 13.36
CA ALA A 412 12.51 0.55 14.57
C ALA A 412 13.38 -0.73 14.58
N LEU A 413 13.99 -1.04 13.44
CA LEU A 413 14.90 -2.19 13.38
C LEU A 413 16.15 -1.98 14.21
N SER A 414 16.79 -3.09 14.59
CA SER A 414 18.03 -3.04 15.33
C SER A 414 19.16 -2.40 14.54
N ASN A 415 19.92 -1.53 15.19
CA ASN A 415 21.14 -0.99 14.59
C ASN A 415 22.24 -2.03 14.60
N ILE A 416 23.08 -2.03 13.56
CA ILE A 416 24.31 -2.84 13.62
C ILE A 416 25.32 -2.24 14.62
MG MG B . -5.01 -0.14 -1.45
CL CL C . -7.25 7.57 3.99
AL ALF D . -1.82 1.09 -0.42
F1 ALF D . -3.56 0.66 -0.35
F2 ALF D . -1.35 -0.51 -1.02
F3 ALF D . -2.16 2.69 0.30
F4 ALF D . -0.08 1.54 -0.53
PB ADP E . -3.00 1.29 -3.38
O1B ADP E . -3.77 0.04 -3.04
O2B ADP E . -2.27 1.15 -4.68
O3B ADP E . -2.13 1.80 -2.25
PA ADP E . -5.32 2.88 -2.67
O1A ADP E . -5.71 1.77 -1.75
O2A ADP E . -5.08 4.25 -2.11
O3A ADP E . -4.11 2.46 -3.65
O5' ADP E . -6.50 3.13 -3.72
C5' ADP E . -6.98 2.00 -4.46
C4' ADP E . -8.45 2.08 -4.72
O4' ADP E . -8.80 3.34 -5.30
C3' ADP E . -8.94 1.03 -5.71
O3' ADP E . -9.58 -0.04 -5.00
C2' ADP E . -9.90 1.83 -6.59
O2' ADP E . -11.19 1.20 -6.81
C1' ADP E . -10.09 3.14 -5.82
N9 ADP E . -10.51 4.30 -6.60
C8 ADP E . -9.89 4.86 -7.67
N7 ADP E . -10.58 5.93 -8.12
C5 ADP E . -11.68 6.06 -7.34
C6 ADP E . -12.83 6.97 -7.26
N6 ADP E . -12.96 7.97 -8.17
N1 ADP E . -13.71 6.76 -6.25
C2 ADP E . -13.57 5.76 -5.34
N3 ADP E . -12.54 4.87 -5.35
C4 ADP E . -11.60 5.01 -6.34
C1 3PG F . -1.62 -0.71 1.85
O1 3PG F . -2.46 -1.50 1.40
O2 3PG F . -1.46 0.42 1.34
C2 3PG F . -0.85 -1.07 3.08
O3 3PG F . -1.09 -2.41 3.53
C3 3PG F . -1.11 -0.10 4.23
O1P 3PG F . -2.50 -0.18 4.60
P 3PG F . -3.14 1.08 5.35
O2P 3PG F . -2.32 1.32 6.60
O3P 3PG F . -3.15 2.30 4.42
O4P 3PG F . -4.54 0.59 5.68
#